data_5IT6
#
_entry.id   5IT6
#
_cell.length_a   38.584
_cell.length_b   106.865
_cell.length_c   114.087
_cell.angle_alpha   90.000
_cell.angle_beta   90.000
_cell.angle_gamma   90.000
#
_symmetry.space_group_name_H-M   'I 21 21 21'
#
loop_
_entity.id
_entity.type
_entity.pdbx_description
1 polymer 'Galectin-related protein'
2 non-polymer 'SULFATE ION'
3 non-polymer DI(HYDROXYETHYL)ETHER
4 non-polymer 'TRIETHYLENE GLYCOL'
5 non-polymer 1,2-ETHANEDIOL
6 water water
#
_entity_poly.entity_id   1
_entity_poly.type   'polypeptide(L)'
_entity_poly.pdbx_seq_one_letter_code
;PFCGHIKGGMRPGKKILVMGIVDLNPESFGISLTCGESEDPPADVAIELKAVFTDRQFIRNSCVAGEWGEEQSSIPYFPF
IPDQPFRVEILCEHPRFRIFVDGHQLFDFYHRIETLSAIDTIKINGDLQLTKLG
;
_entity_poly.pdbx_strand_id   A
#
loop_
_chem_comp.id
_chem_comp.type
_chem_comp.name
_chem_comp.formula
EDO non-polymer 1,2-ETHANEDIOL 'C2 H6 O2'
PEG non-polymer DI(HYDROXYETHYL)ETHER 'C4 H10 O3'
PGE non-polymer 'TRIETHYLENE GLYCOL' 'C6 H14 O4'
SO4 non-polymer 'SULFATE ION' 'O4 S -2'
#
# COMPACT_ATOMS: atom_id res chain seq x y z
N PRO A 1 10.79 0.80 10.35
CA PRO A 1 9.52 1.01 9.62
C PRO A 1 8.70 2.14 10.20
N PHE A 2 7.77 2.64 9.39
CA PHE A 2 7.02 3.85 9.70
C PHE A 2 5.53 3.53 9.76
N CYS A 3 4.83 4.13 10.73
CA CYS A 3 3.38 4.06 10.88
C CYS A 3 2.80 5.47 10.89
N GLY A 4 1.82 5.71 10.04
CA GLY A 4 1.09 6.96 10.07
C GLY A 4 -0.36 6.72 10.45
N HIS A 5 -0.90 7.52 11.35
CA HIS A 5 -2.30 7.38 11.71
C HIS A 5 -3.19 8.05 10.68
N ILE A 6 -4.29 7.37 10.33
CA ILE A 6 -5.32 7.89 9.44
C ILE A 6 -6.54 8.18 10.31
N LYS A 7 -6.74 9.45 10.66
CA LYS A 7 -7.85 9.81 11.53
C LYS A 7 -9.19 9.42 10.91
N GLY A 8 -10.00 8.69 11.66
CA GLY A 8 -11.31 8.27 11.19
C GLY A 8 -11.29 7.04 10.31
N GLY A 9 -10.11 6.52 10.00
CA GLY A 9 -10.01 5.38 9.14
C GLY A 9 -10.38 5.70 7.70
N MET A 10 -10.54 4.63 6.93
CA MET A 10 -10.87 4.79 5.53
C MET A 10 -12.39 4.89 5.37
N ARG A 11 -12.77 5.50 4.25
CA ARG A 11 -14.18 5.64 3.88
C ARG A 11 -14.22 5.94 2.39
N PRO A 12 -15.38 5.74 1.75
CA PRO A 12 -15.49 6.02 0.32
C PRO A 12 -15.14 7.46 0.00
N GLY A 13 -14.32 7.63 -1.03
CA GLY A 13 -13.88 8.94 -1.46
C GLY A 13 -12.58 9.41 -0.83
N LYS A 14 -12.11 8.75 0.21
CA LYS A 14 -10.87 9.13 0.87
C LYS A 14 -9.68 8.60 0.10
N LYS A 15 -8.67 9.45 -0.04
CA LYS A 15 -7.48 9.18 -0.84
C LYS A 15 -6.25 9.40 0.01
N ILE A 16 -5.36 8.43 0.03
CA ILE A 16 -4.09 8.52 0.74
C ILE A 16 -3.01 8.74 -0.29
N LEU A 17 -2.14 9.71 -0.03
CA LEU A 17 -1.04 10.07 -0.91
C LEU A 17 0.28 9.72 -0.24
N VAL A 18 1.13 8.99 -0.96
CA VAL A 18 2.47 8.64 -0.51
C VAL A 18 3.44 9.05 -1.61
N MET A 19 4.42 9.85 -1.27
CA MET A 19 5.48 10.16 -2.21
C MET A 19 6.81 9.76 -1.61
N GLY A 20 7.71 9.33 -2.46
CA GLY A 20 9.03 8.98 -1.98
C GLY A 20 10.02 8.94 -3.13
N ILE A 21 11.21 8.49 -2.79
CA ILE A 21 12.30 8.29 -3.75
C ILE A 21 12.81 6.87 -3.58
N VAL A 22 12.81 6.10 -4.68
CA VAL A 22 13.33 4.75 -4.59
C VAL A 22 14.83 4.80 -4.35
N ASP A 23 15.31 3.89 -3.51
CA ASP A 23 16.74 3.79 -3.24
C ASP A 23 17.50 3.45 -4.52
N LEU A 24 18.82 3.64 -4.46
CA LEU A 24 19.65 3.43 -5.64
C LEU A 24 19.70 1.97 -6.06
N ASN A 25 19.84 1.05 -5.09
CA ASN A 25 19.93 -0.38 -5.36
C ASN A 25 18.85 -1.13 -4.60
N PRO A 26 17.59 -0.99 -5.02
CA PRO A 26 16.49 -1.49 -4.20
C PRO A 26 16.20 -2.96 -4.42
N GLU A 27 15.78 -3.62 -3.35
CA GLU A 27 15.22 -4.96 -3.43
C GLU A 27 13.70 -4.93 -3.40
N SER A 28 13.11 -4.25 -2.42
CA SER A 28 11.65 -4.19 -2.33
C SER A 28 11.27 -3.07 -1.38
N PHE A 29 10.02 -2.63 -1.49
CA PHE A 29 9.43 -1.80 -0.45
C PHE A 29 7.94 -2.13 -0.35
N GLY A 30 7.36 -1.70 0.76
CA GLY A 30 5.96 -1.98 1.02
C GLY A 30 5.23 -0.74 1.52
N ILE A 31 3.97 -0.66 1.12
CA ILE A 31 3.00 0.33 1.59
C ILE A 31 1.76 -0.46 1.97
N SER A 32 1.34 -0.39 3.23
CA SER A 32 0.20 -1.18 3.69
C SER A 32 -0.79 -0.32 4.43
N LEU A 33 -2.07 -0.64 4.31
CA LEU A 33 -3.11 -0.07 5.14
C LEU A 33 -3.57 -1.15 6.11
N THR A 34 -3.52 -0.84 7.40
CA THR A 34 -3.71 -1.86 8.44
C THR A 34 -4.70 -1.36 9.50
N CYS A 35 -5.16 -2.31 10.30
CA CYS A 35 -6.12 -2.04 11.37
C CYS A 35 -5.32 -1.91 12.66
N GLY A 36 -4.88 -0.70 12.94
CA GLY A 36 -4.03 -0.44 14.08
C GLY A 36 -2.55 -0.60 13.75
N GLU A 37 -1.72 -0.23 14.72
CA GLU A 37 -0.29 -0.11 14.49
C GLU A 37 0.52 -1.28 15.01
N SER A 38 -0.10 -2.24 15.69
CA SER A 38 0.67 -3.31 16.29
C SER A 38 1.56 -4.01 15.28
N GLU A 39 2.81 -4.23 15.68
CA GLU A 39 3.73 -5.04 14.92
C GLU A 39 3.88 -6.44 15.48
N ASP A 40 3.61 -6.60 16.78
CA ASP A 40 3.70 -7.90 17.41
C ASP A 40 2.65 -7.94 18.50
N PRO A 41 1.56 -8.69 18.27
CA PRO A 41 1.23 -9.38 17.03
C PRO A 41 0.90 -8.39 15.92
N PRO A 42 1.15 -8.78 14.67
CA PRO A 42 0.88 -7.87 13.56
C PRO A 42 -0.60 -7.51 13.45
N ALA A 43 -0.86 -6.22 13.26
CA ALA A 43 -2.18 -5.75 12.91
C ALA A 43 -2.68 -6.42 11.64
N ASP A 44 -3.98 -6.64 11.57
CA ASP A 44 -4.57 -7.16 10.34
C ASP A 44 -4.27 -6.17 9.22
N VAL A 45 -4.08 -6.70 8.02
CA VAL A 45 -3.66 -5.92 6.85
C VAL A 45 -4.80 -5.90 5.85
N ALA A 46 -5.37 -4.71 5.60
CA ALA A 46 -6.43 -4.58 4.60
C ALA A 46 -5.84 -4.67 3.20
N ILE A 47 -4.72 -4.02 2.97
CA ILE A 47 -4.02 -4.14 1.70
C ILE A 47 -2.54 -3.89 1.94
N GLU A 48 -1.72 -4.79 1.46
CA GLU A 48 -0.28 -4.59 1.35
C GLU A 48 0.09 -4.46 -0.12
N LEU A 49 0.79 -3.41 -0.45
CA LEU A 49 1.37 -3.18 -1.77
C LEU A 49 2.87 -3.43 -1.65
N LYS A 50 3.38 -4.42 -2.37
CA LYS A 50 4.78 -4.76 -2.28
C LYS A 50 5.41 -4.66 -3.65
N ALA A 51 6.35 -3.75 -3.80
CA ALA A 51 7.13 -3.59 -5.02
C ALA A 51 8.37 -4.46 -4.91
N VAL A 52 8.57 -5.38 -5.87
CA VAL A 52 9.72 -6.27 -5.87
C VAL A 52 10.52 -5.99 -7.13
N PHE A 53 11.75 -5.52 -6.96
CA PHE A 53 12.48 -4.97 -8.11
C PHE A 53 13.16 -6.04 -8.95
N THR A 54 13.53 -7.20 -8.39
CA THR A 54 14.28 -8.16 -9.17
C THR A 54 13.47 -8.69 -10.34
N ASP A 55 12.19 -9.05 -10.12
CA ASP A 55 11.34 -9.49 -11.22
C ASP A 55 10.19 -8.51 -11.49
N ARG A 56 10.30 -7.29 -10.98
CA ARG A 56 9.45 -6.18 -11.39
C ARG A 56 7.97 -6.53 -11.22
N GLN A 57 7.64 -6.91 -9.99
CA GLN A 57 6.29 -7.23 -9.58
C GLN A 57 5.77 -6.15 -8.65
N PHE A 58 4.47 -5.94 -8.67
CA PHE A 58 3.83 -5.04 -7.73
C PHE A 58 2.63 -5.83 -7.20
N ILE A 59 2.85 -6.55 -6.09
CA ILE A 59 1.94 -7.56 -5.60
C ILE A 59 1.13 -7.02 -4.45
N ARG A 60 -0.10 -7.52 -4.32
CA ARG A 60 -1.09 -7.02 -3.37
C ARG A 60 -1.69 -8.21 -2.64
N ASN A 61 -1.97 -8.04 -1.36
CA ASN A 61 -2.63 -9.08 -0.58
C ASN A 61 -3.17 -8.45 0.70
N SER A 62 -3.96 -9.26 1.44
CA SER A 62 -4.53 -8.87 2.72
C SER A 62 -4.20 -9.97 3.72
N CYS A 63 -4.34 -9.65 5.00
CA CYS A 63 -3.98 -10.61 6.03
C CYS A 63 -4.94 -10.42 7.20
N VAL A 64 -5.64 -11.47 7.58
CA VAL A 64 -6.59 -11.43 8.69
C VAL A 64 -6.28 -12.59 9.61
N ALA A 65 -6.07 -12.27 10.89
CA ALA A 65 -5.77 -13.30 11.90
C ALA A 65 -4.62 -14.19 11.45
N GLY A 66 -3.60 -13.57 10.87
CA GLY A 66 -2.40 -14.27 10.46
C GLY A 66 -2.48 -14.99 9.13
N GLU A 67 -3.65 -15.07 8.51
CA GLU A 67 -3.81 -15.78 7.25
C GLU A 67 -3.79 -14.80 6.08
N TRP A 68 -2.81 -14.95 5.21
CA TRP A 68 -2.78 -14.18 3.98
C TRP A 68 -3.79 -14.72 2.97
N GLY A 69 -4.36 -13.80 2.20
CA GLY A 69 -5.24 -14.15 1.13
C GLY A 69 -4.53 -14.53 -0.14
N GLU A 70 -5.29 -14.47 -1.23
CA GLU A 70 -4.78 -14.76 -2.56
C GLU A 70 -4.01 -13.56 -3.08
N GLU A 71 -2.73 -13.79 -3.38
CA GLU A 71 -1.90 -12.74 -3.94
C GLU A 71 -2.41 -12.32 -5.30
N GLN A 72 -2.48 -11.01 -5.53
CA GLN A 72 -2.86 -10.44 -6.81
C GLN A 72 -1.67 -9.69 -7.39
N SER A 73 -1.46 -9.83 -8.70
CA SER A 73 -0.24 -9.34 -9.33
C SER A 73 -0.45 -8.66 -10.69
N SER A 74 -1.65 -8.65 -11.25
CA SER A 74 -1.80 -8.08 -12.59
C SER A 74 -1.37 -6.62 -12.62
N ILE A 75 -0.58 -6.27 -13.63
CA ILE A 75 -0.03 -4.92 -13.77
C ILE A 75 0.04 -4.58 -15.24
N PRO A 76 -0.17 -3.30 -15.59
CA PRO A 76 0.11 -2.86 -16.97
C PRO A 76 1.58 -2.66 -17.26
N TYR A 77 2.39 -2.46 -16.23
CA TYR A 77 3.81 -2.22 -16.27
C TYR A 77 4.23 -2.03 -14.83
N PHE A 78 5.53 -2.16 -14.60
CA PHE A 78 6.11 -1.95 -13.29
C PHE A 78 6.50 -0.49 -13.18
N PRO A 79 5.96 0.28 -12.23
CA PRO A 79 5.99 1.75 -12.35
C PRO A 79 7.13 2.45 -11.63
N PHE A 80 8.06 1.73 -11.01
CA PHE A 80 9.08 2.34 -10.18
C PHE A 80 10.45 2.22 -10.80
N ILE A 81 11.28 3.22 -10.54
CA ILE A 81 12.63 3.28 -11.09
C ILE A 81 13.62 3.57 -9.96
N PRO A 82 14.69 2.80 -9.82
CA PRO A 82 15.70 3.10 -8.81
C PRO A 82 16.17 4.56 -8.89
N ASP A 83 16.31 5.17 -7.72
CA ASP A 83 16.79 6.53 -7.55
C ASP A 83 15.82 7.58 -8.07
N GLN A 84 14.56 7.21 -8.37
CA GLN A 84 13.63 8.17 -8.93
C GLN A 84 12.44 8.40 -7.99
N PRO A 85 11.90 9.61 -7.99
CA PRO A 85 10.70 9.88 -7.19
C PRO A 85 9.50 9.14 -7.74
N PHE A 86 8.54 8.88 -6.84
CA PHE A 86 7.27 8.30 -7.21
C PHE A 86 6.16 8.90 -6.36
N ARG A 87 4.94 8.78 -6.85
CA ARG A 87 3.71 9.16 -6.16
C ARG A 87 2.76 7.97 -6.23
N VAL A 88 2.34 7.45 -5.08
CA VAL A 88 1.31 6.43 -4.99
C VAL A 88 0.08 7.05 -4.35
N GLU A 89 -1.09 6.86 -4.95
CA GLU A 89 -2.34 7.29 -4.36
C GLU A 89 -3.26 6.10 -4.25
N ILE A 90 -3.84 5.91 -3.08
CA ILE A 90 -4.78 4.84 -2.82
C ILE A 90 -6.13 5.49 -2.59
N LEU A 91 -7.06 5.27 -3.51
CA LEU A 91 -8.41 5.81 -3.41
C LEU A 91 -9.34 4.73 -2.87
N CYS A 92 -10.04 5.05 -1.81
CA CYS A 92 -11.01 4.12 -1.24
C CYS A 92 -12.37 4.37 -1.86
N GLU A 93 -12.98 3.32 -2.37
CA GLU A 93 -14.35 3.31 -2.82
C GLU A 93 -15.09 2.25 -2.00
N HIS A 94 -16.42 2.26 -2.06
CA HIS A 94 -17.15 1.27 -1.28
C HIS A 94 -16.78 -0.17 -1.63
N PRO A 95 -16.61 -0.56 -2.92
CA PRO A 95 -16.26 -1.96 -3.20
C PRO A 95 -14.79 -2.29 -3.21
N ARG A 96 -13.93 -1.28 -3.31
CA ARG A 96 -12.55 -1.57 -3.69
C ARG A 96 -11.67 -0.37 -3.38
N PHE A 97 -10.37 -0.64 -3.27
CA PHE A 97 -9.35 0.40 -3.43
C PHE A 97 -8.98 0.51 -4.90
N ARG A 98 -8.66 1.72 -5.33
CA ARG A 98 -8.10 1.94 -6.67
C ARG A 98 -6.72 2.55 -6.44
N ILE A 99 -5.70 1.95 -7.07
CA ILE A 99 -4.32 2.35 -6.84
C ILE A 99 -3.78 3.06 -8.07
N PHE A 100 -3.22 4.25 -7.85
CA PHE A 100 -2.65 5.07 -8.91
C PHE A 100 -1.17 5.26 -8.62
N VAL A 101 -0.33 5.19 -9.65
CA VAL A 101 1.06 5.55 -9.52
C VAL A 101 1.37 6.61 -10.54
N ASP A 102 1.94 7.71 -10.07
CA ASP A 102 2.28 8.85 -10.92
C ASP A 102 1.09 9.29 -11.76
N GLY A 103 -0.10 9.24 -11.15
CA GLY A 103 -1.32 9.73 -11.76
C GLY A 103 -2.10 8.74 -12.58
N HIS A 104 -1.60 7.52 -12.74
CA HIS A 104 -2.20 6.53 -13.63
C HIS A 104 -2.72 5.35 -12.83
N GLN A 105 -3.95 4.93 -13.11
CA GLN A 105 -4.50 3.78 -12.40
C GLN A 105 -3.77 2.52 -12.85
N LEU A 106 -3.31 1.73 -11.88
CA LEU A 106 -2.63 0.48 -12.19
C LEU A 106 -3.51 -0.74 -11.96
N PHE A 107 -4.30 -0.73 -10.90
CA PHE A 107 -5.17 -1.86 -10.58
C PHE A 107 -6.12 -1.45 -9.47
N ASP A 108 -7.15 -2.26 -9.30
CA ASP A 108 -8.09 -2.19 -8.19
C ASP A 108 -7.87 -3.39 -7.30
N PHE A 109 -8.34 -3.25 -6.05
CA PHE A 109 -8.24 -4.30 -5.05
C PHE A 109 -9.54 -4.31 -4.26
N TYR A 110 -10.35 -5.35 -4.47
CA TYR A 110 -11.64 -5.41 -3.83
C TYR A 110 -11.48 -5.78 -2.36
N HIS A 111 -12.26 -5.14 -1.50
CA HIS A 111 -12.04 -5.24 -0.06
C HIS A 111 -12.21 -6.66 0.44
N ARG A 112 -11.21 -7.12 1.20
CA ARG A 112 -11.34 -8.30 2.05
C ARG A 112 -11.77 -7.90 3.46
N ILE A 113 -11.14 -6.86 4.02
CA ILE A 113 -11.56 -6.27 5.28
C ILE A 113 -12.58 -5.20 4.95
N GLU A 114 -13.83 -5.43 5.33
CA GLU A 114 -14.90 -4.53 4.92
C GLU A 114 -15.23 -3.44 5.93
N THR A 115 -14.68 -3.48 7.15
CA THR A 115 -14.88 -2.41 8.15
C THR A 115 -13.85 -1.33 7.84
N LEU A 116 -14.21 -0.47 6.88
CA LEU A 116 -13.25 0.50 6.37
C LEU A 116 -12.79 1.47 7.44
N SER A 117 -13.67 1.86 8.37
CA SER A 117 -13.29 2.78 9.42
C SER A 117 -12.27 2.20 10.40
N ALA A 118 -12.09 0.87 10.41
CA ALA A 118 -11.05 0.26 11.25
C ALA A 118 -9.67 0.30 10.61
N ILE A 119 -9.60 0.69 9.35
CA ILE A 119 -8.35 0.73 8.58
C ILE A 119 -7.78 2.11 8.85
N ASP A 120 -6.97 2.22 9.90
CA ASP A 120 -6.60 3.54 10.42
C ASP A 120 -5.11 3.76 10.48
N THR A 121 -4.32 2.94 9.79
CA THR A 121 -2.87 3.02 9.87
C THR A 121 -2.28 2.77 8.49
N ILE A 122 -1.31 3.58 8.12
CA ILE A 122 -0.49 3.30 6.95
C ILE A 122 0.90 2.92 7.42
N LYS A 123 1.42 1.80 6.94
CA LYS A 123 2.73 1.30 7.28
C LYS A 123 3.60 1.33 6.03
N ILE A 124 4.80 1.88 6.17
CA ILE A 124 5.70 2.03 5.03
C ILE A 124 7.07 1.51 5.43
N ASN A 125 7.67 0.66 4.59
CA ASN A 125 8.94 0.03 4.91
C ASN A 125 9.70 -0.30 3.65
N GLY A 126 11.00 -0.48 3.81
CA GLY A 126 11.83 -0.97 2.73
C GLY A 126 12.69 0.06 2.04
N ASP A 127 13.00 -0.22 0.78
CA ASP A 127 14.10 0.44 0.09
C ASP A 127 13.65 1.71 -0.63
N LEU A 128 13.21 2.66 0.19
CA LEU A 128 12.80 3.95 -0.30
C LEU A 128 13.08 4.98 0.80
N GLN A 129 13.06 6.23 0.38
CA GLN A 129 12.95 7.36 1.29
C GLN A 129 11.55 7.93 1.15
N LEU A 130 10.84 8.03 2.28
CA LEU A 130 9.51 8.61 2.27
C LEU A 130 9.63 10.11 2.37
N THR A 131 9.04 10.82 1.41
CA THR A 131 9.15 12.28 1.35
C THR A 131 7.84 13.02 1.60
N LYS A 132 6.68 12.42 1.34
CA LYS A 132 5.43 13.10 1.63
C LYS A 132 4.36 12.09 1.98
N LEU A 133 3.52 12.47 2.92
CA LEU A 133 2.34 11.69 3.27
C LEU A 133 1.17 12.66 3.43
N GLY A 134 0.03 12.33 2.84
CA GLY A 134 -1.14 13.17 2.98
C GLY A 134 -2.45 12.41 2.81
S SO4 B . 7.74 -4.06 -16.94
O1 SO4 B . 8.80 -4.88 -16.36
O2 SO4 B . 7.85 -4.06 -18.40
O3 SO4 B . 6.45 -4.60 -16.54
O4 SO4 B . 7.87 -2.69 -16.46
S SO4 C . -14.92 0.99 -13.39
O1 SO4 C . -14.58 -0.42 -13.22
O2 SO4 C . -13.83 1.84 -12.92
O3 SO4 C . -16.14 1.29 -12.63
O4 SO4 C . -15.16 1.25 -14.81
C1 PEG D . 3.30 -11.52 2.25
O1 PEG D . 3.17 -10.36 1.46
C2 PEG D . 2.49 -12.63 1.57
O2 PEG D . 2.82 -13.91 2.07
C3 PEG D . 2.62 -14.94 1.14
C4 PEG D . 1.13 -15.17 0.89
O4 PEG D . 0.94 -15.77 -0.37
H11 PEG D . 2.95 -11.35 3.13
H12 PEG D . 4.23 -11.78 2.30
HO1 PEG D . 3.67 -9.75 1.77
H21 PEG D . 2.67 -12.62 0.62
H22 PEG D . 1.55 -12.47 1.72
H31 PEG D . 3.02 -15.76 1.49
H32 PEG D . 3.06 -14.70 0.31
H41 PEG D . 0.67 -14.32 0.91
H42 PEG D . 0.77 -15.75 1.58
HO4 PEG D . 0.15 -16.07 -0.41
C1 PEG E . -0.62 14.16 10.02
O1 PEG E . -0.99 13.01 9.32
C2 PEG E . -1.37 14.21 11.36
O2 PEG E . -2.39 15.18 11.32
C3 PEG E . -3.67 14.66 11.08
C4 PEG E . -4.72 15.74 11.33
O4 PEG E . -5.98 15.25 10.98
H11 PEG E . -0.83 14.94 9.50
H12 PEG E . 0.34 14.13 10.20
HO1 PEG E . -0.80 13.10 8.49
H21 PEG E . -0.74 14.43 12.07
H22 PEG E . -1.77 13.34 11.54
H31 PEG E . -3.73 14.35 10.17
H32 PEG E . -3.83 13.91 11.68
H41 PEG E . -4.51 16.52 10.79
H42 PEG E . -4.71 15.99 12.27
HO4 PEG E . -6.58 15.78 11.28
C1 PGE F . 5.74 -6.56 5.13
O1 PGE F . 6.01 -6.01 6.42
C2 PGE F . 5.39 -5.44 4.18
O2 PGE F . 6.03 -5.64 2.92
C3 PGE F . 7.32 -5.08 2.95
C4 PGE F . 8.14 -5.39 1.71
O4 PGE F . 11.44 -4.26 4.34
C6 PGE F . 11.56 -4.73 3.00
C5 PGE F . 10.33 -5.55 2.68
O3 PGE F . 9.43 -4.81 1.86
H1 PGE F . 4.89 -7.26 5.16
H12 PGE F . 6.61 -7.11 4.73
HO1 PGE F . 6.11 -6.73 7.04
H2 PGE F . 5.72 -4.49 4.62
H22 PGE F . 4.30 -5.40 4.05
H3 PGE F . 7.88 -5.44 3.82
H32 PGE F . 7.26 -3.98 3.04
H4 PGE F . 8.21 -6.49 1.59
H42 PGE F . 7.63 -4.99 0.82
HO4 PGE F . 12.24 -3.76 4.55
H6 PGE F . 11.61 -3.88 2.28
H62 PGE F . 12.45 -5.35 2.86
H5 PGE F . 9.84 -5.85 3.62
H52 PGE F . 10.65 -6.47 2.16
C1 EDO G . -4.26 -11.25 -10.31
O1 EDO G . -3.00 -11.75 -9.94
C2 EDO G . -4.38 -9.77 -10.26
O2 EDO G . -5.74 -9.38 -10.03
H11 EDO G . -4.48 -11.59 -11.33
H12 EDO G . -5.01 -11.69 -9.65
HO1 EDO G . -3.00 -12.71 -9.99
H21 EDO G . -3.75 -9.38 -9.46
H22 EDO G . -4.03 -9.34 -11.21
HO2 EDO G . -5.80 -8.41 -10.00
C1 EDO H . -8.44 10.41 -8.26
O1 EDO H . -9.29 10.88 -7.21
C2 EDO H . -7.01 10.33 -7.75
O2 EDO H . -6.09 10.19 -8.82
H11 EDO H . -8.48 11.10 -9.11
H12 EDO H . -8.77 9.43 -8.60
HO1 EDO H . -10.20 10.92 -7.53
H21 EDO H . -6.91 9.48 -7.07
H22 EDO H . -6.78 11.23 -7.18
HO2 EDO H . -5.18 10.13 -8.48
C1 EDO I . -6.47 -1.85 -14.58
O1 EDO I . -5.67 -0.84 -15.23
C2 EDO I . -7.52 -1.20 -13.68
O2 EDO I . -8.47 -2.18 -13.23
H11 EDO I . -6.96 -2.47 -15.32
H12 EDO I . -5.82 -2.49 -13.97
HO1 EDO I . -5.02 -1.27 -15.80
H21 EDO I . -7.03 -0.73 -12.82
H22 EDO I . -8.04 -0.41 -14.23
HO2 EDO I . -9.13 -1.75 -12.67
#